data_1RDP
#
_entry.id   1RDP
#
_cell.length_a   102.090
_cell.length_b   66.079
_cell.length_c   78.715
_cell.angle_alpha   90.00
_cell.angle_beta   105.83
_cell.angle_gamma   90.00
#
_symmetry.space_group_name_H-M   'C 1 2 1'
#
loop_
_entity.id
_entity.type
_entity.pdbx_description
1 polymer 'cholera toxin B protein (CTB)'
2 non-polymer '1,3-BIS-([[3-(4-{3-[3-NITRO-5-(GALACTOPYRANOSYLOXY)-BENZOYLAMINO]-PROPYL}-PIPERAZIN-1-YL)-PROPYLAMINO-3,4-DIOXO-CYCLOBU TENYL]-AMINO-ETHYL]-AMINO-CARBONYLOXY)-2-AMINO-PROPANE'
3 non-polymer 2-AMINO-2-HYDROXYMETHYL-PROPANE-1,3-DIOL
4 non-polymer 'TRIETHYLENE GLYCOL'
5 water water
#
_entity_poly.entity_id   1
_entity_poly.type   'polypeptide(L)'
_entity_poly.pdbx_seq_one_letter_code
;TPQNITDLCAEYHNTQIHTLNDKIFSYTESLAGKREMAIITFKNGATFQVEVPGSQHIDSQKKAIERMKDTLRIAYLTEA
KVEKLCVWNNKTPHAIAAISMAN
;
_entity_poly.pdbx_strand_id   D,E,F,G,H
#
# COMPACT_ATOMS: atom_id res chain seq x y z
N THR A 1 -23.39 -11.64 -7.79
CA THR A 1 -24.16 -10.94 -6.73
C THR A 1 -24.32 -11.79 -5.45
N PRO A 2 -23.40 -12.70 -5.20
CA PRO A 2 -23.43 -13.48 -3.95
C PRO A 2 -23.33 -12.58 -2.73
N GLN A 3 -23.94 -12.99 -1.62
CA GLN A 3 -23.91 -12.19 -0.42
C GLN A 3 -22.87 -12.62 0.62
N ASN A 4 -22.22 -13.75 0.34
CA ASN A 4 -21.22 -14.27 1.24
C ASN A 4 -20.31 -15.24 0.53
N ILE A 5 -19.22 -15.58 1.18
CA ILE A 5 -18.19 -16.41 0.60
C ILE A 5 -18.67 -17.79 0.26
N THR A 6 -19.58 -18.35 1.07
CA THR A 6 -20.06 -19.71 0.78
C THR A 6 -20.88 -19.77 -0.52
N ASP A 7 -21.76 -18.79 -0.70
CA ASP A 7 -22.56 -18.71 -1.91
C ASP A 7 -21.71 -18.40 -3.13
N LEU A 8 -20.66 -17.59 -2.95
CA LEU A 8 -19.75 -17.29 -4.05
C LEU A 8 -19.01 -18.57 -4.44
N CYS A 9 -18.51 -19.28 -3.45
CA CYS A 9 -17.68 -20.45 -3.72
C CYS A 9 -18.48 -21.51 -4.48
N ALA A 10 -19.77 -21.60 -4.17
CA ALA A 10 -20.65 -22.61 -4.75
C ALA A 10 -20.84 -22.45 -6.26
N GLU A 11 -20.53 -21.26 -6.77
CA GLU A 11 -20.67 -20.94 -8.18
C GLU A 11 -19.59 -21.58 -9.08
N TYR A 12 -18.58 -22.19 -8.48
CA TYR A 12 -17.41 -22.67 -9.21
C TYR A 12 -17.25 -24.18 -9.06
N HIS A 13 -16.77 -24.84 -10.11
CA HIS A 13 -16.42 -26.26 -10.07
C HIS A 13 -15.16 -26.44 -9.24
N ASN A 14 -15.01 -27.62 -8.65
CA ASN A 14 -13.78 -28.00 -7.96
C ASN A 14 -13.42 -27.08 -6.80
N THR A 15 -14.42 -26.58 -6.11
CA THR A 15 -14.15 -25.78 -4.92
C THR A 15 -14.73 -26.35 -3.63
N GLN A 16 -14.17 -25.89 -2.51
CA GLN A 16 -14.77 -26.14 -1.21
C GLN A 16 -14.44 -25.01 -0.28
N ILE A 17 -15.26 -24.88 0.76
CA ILE A 17 -14.98 -24.00 1.87
C ILE A 17 -14.17 -24.74 2.96
N HIS A 18 -13.13 -24.09 3.46
CA HIS A 18 -12.42 -24.46 4.67
C HIS A 18 -12.79 -23.39 5.69
N THR A 19 -13.23 -23.83 6.87
CA THR A 19 -13.46 -22.92 7.99
C THR A 19 -12.29 -23.00 8.96
N LEU A 20 -11.60 -21.88 9.09
CA LEU A 20 -10.39 -21.78 9.92
C LEU A 20 -10.68 -21.17 11.28
N ASN A 21 -11.37 -20.03 11.27
CA ASN A 21 -11.57 -19.24 12.47
C ASN A 21 -10.31 -19.08 13.33
N ASP A 22 -9.23 -18.70 12.66
CA ASP A 22 -7.94 -18.59 13.29
C ASP A 22 -7.07 -17.63 12.47
N LYS A 23 -6.08 -17.05 13.14
CA LYS A 23 -5.09 -16.25 12.46
C LYS A 23 -4.15 -17.13 11.65
N ILE A 24 -3.52 -16.52 10.64
CA ILE A 24 -2.51 -17.19 9.88
C ILE A 24 -1.29 -17.51 10.71
N PHE A 25 -0.79 -18.75 10.60
CA PHE A 25 0.40 -19.16 11.33
C PHE A 25 1.70 -18.78 10.63
N SER A 26 1.75 -18.95 9.30
CA SER A 26 2.95 -18.59 8.55
C SER A 26 2.56 -18.02 7.23
N TYR A 27 3.38 -17.08 6.76
CA TYR A 27 3.18 -16.42 5.47
C TYR A 27 4.51 -16.50 4.74
N THR A 28 4.45 -17.02 3.53
CA THR A 28 5.61 -17.18 2.64
C THR A 28 5.32 -16.58 1.27
N GLU A 29 6.31 -15.87 0.75
CA GLU A 29 6.18 -15.36 -0.60
C GLU A 29 7.50 -15.47 -1.32
N SER A 30 7.40 -15.65 -2.62
CA SER A 30 8.53 -15.93 -3.48
C SER A 30 8.52 -15.05 -4.72
N LEU A 31 9.72 -14.58 -5.12
CA LEU A 31 9.95 -13.91 -6.38
C LEU A 31 10.72 -14.78 -7.37
N ALA A 32 10.96 -16.06 -7.02
CA ALA A 32 11.70 -16.94 -7.93
C ALA A 32 10.87 -17.18 -9.21
N GLY A 33 11.56 -17.26 -10.33
CA GLY A 33 10.92 -17.37 -11.62
C GLY A 33 10.03 -18.58 -11.74
N LYS A 34 8.80 -18.37 -12.23
CA LYS A 34 7.77 -19.39 -12.35
C LYS A 34 7.17 -19.85 -11.00
N ARG A 35 7.66 -19.28 -9.90
CA ARG A 35 7.09 -19.55 -8.59
C ARG A 35 6.80 -18.24 -7.86
N GLU A 36 6.24 -17.28 -8.60
CA GLU A 36 5.85 -16.00 -8.02
C GLU A 36 4.48 -16.14 -7.35
N MET A 37 4.54 -16.56 -6.10
CA MET A 37 3.39 -17.11 -5.39
C MET A 37 3.45 -16.78 -3.91
N ALA A 38 2.34 -17.00 -3.20
CA ALA A 38 2.34 -16.95 -1.75
C ALA A 38 1.78 -18.26 -1.23
N ILE A 39 2.25 -18.65 -0.05
CA ILE A 39 1.79 -19.84 0.68
C ILE A 39 1.50 -19.41 2.10
N ILE A 40 0.36 -19.83 2.62
CA ILE A 40 0.07 -19.61 4.02
C ILE A 40 -0.23 -20.94 4.69
N THR A 41 0.05 -21.00 5.98
CA THR A 41 -0.42 -22.14 6.79
C THR A 41 -1.06 -21.64 8.04
N PHE A 42 -1.83 -22.56 8.62
CA PHE A 42 -2.48 -22.39 9.91
C PHE A 42 -1.87 -23.38 10.88
N LYS A 43 -2.05 -23.12 12.18
CA LYS A 43 -1.38 -23.95 13.20
C LYS A 43 -1.84 -25.40 13.17
N ASN A 44 -2.98 -25.68 12.56
CA ASN A 44 -3.44 -27.06 12.34
C ASN A 44 -2.75 -27.78 11.16
N GLY A 45 -1.82 -27.10 10.51
CA GLY A 45 -1.07 -27.64 9.36
C GLY A 45 -1.63 -27.37 7.96
N ALA A 46 -2.85 -26.87 7.91
CA ALA A 46 -3.52 -26.63 6.67
C ALA A 46 -2.70 -25.60 5.90
N THR A 47 -2.50 -25.90 4.62
CA THR A 47 -1.63 -25.12 3.75
C THR A 47 -2.37 -24.72 2.50
N PHE A 48 -2.20 -23.47 2.12
CA PHE A 48 -2.89 -22.93 0.95
C PHE A 48 -1.96 -22.05 0.14
N GLN A 49 -2.20 -22.03 -1.16
CA GLN A 49 -1.45 -21.13 -2.06
C GLN A 49 -2.31 -20.07 -2.71
N VAL A 50 -1.65 -18.97 -3.08
CA VAL A 50 -2.16 -18.13 -4.14
C VAL A 50 -1.33 -18.53 -5.35
N GLU A 51 -2.01 -19.02 -6.38
CA GLU A 51 -1.31 -19.58 -7.52
C GLU A 51 -0.51 -18.53 -8.25
N VAL A 52 0.56 -18.97 -8.88
CA VAL A 52 1.26 -18.19 -9.86
C VAL A 52 0.28 -17.82 -10.97
N PRO A 53 0.25 -16.55 -11.40
CA PRO A 53 -0.66 -16.17 -12.49
C PRO A 53 -0.36 -16.94 -13.78
N GLY A 54 -1.39 -17.44 -14.43
CA GLY A 54 -1.20 -18.27 -15.61
C GLY A 54 -2.37 -18.27 -16.57
N SER A 55 -2.34 -19.17 -17.56
CA SER A 55 -3.37 -19.16 -18.58
C SER A 55 -4.73 -19.64 -18.06
N GLN A 56 -4.75 -20.18 -16.86
CA GLN A 56 -6.00 -20.54 -16.19
C GLN A 56 -6.74 -19.33 -15.63
N HIS A 57 -6.07 -18.18 -15.66
CA HIS A 57 -6.64 -16.94 -15.17
C HIS A 57 -6.98 -15.96 -16.29
N ILE A 58 -8.17 -15.37 -16.23
CA ILE A 58 -8.52 -14.30 -17.18
C ILE A 58 -7.92 -12.98 -16.71
N ASP A 59 -7.87 -11.99 -17.60
CA ASP A 59 -7.21 -10.72 -17.28
C ASP A 59 -7.71 -10.06 -16.00
N SER A 60 -9.02 -10.10 -15.77
CA SER A 60 -9.58 -9.46 -14.59
C SER A 60 -9.14 -10.11 -13.28
N GLN A 61 -8.70 -11.36 -13.34
CA GLN A 61 -8.20 -12.04 -12.16
C GLN A 61 -6.80 -11.59 -11.78
N LYS A 62 -6.02 -11.09 -12.73
CA LYS A 62 -4.63 -10.71 -12.45
C LYS A 62 -4.52 -9.67 -11.35
N LYS A 63 -5.29 -8.58 -11.42
CA LYS A 63 -5.19 -7.56 -10.38
C LYS A 63 -5.67 -8.17 -9.07
N ALA A 64 -6.66 -9.05 -9.18
CA ALA A 64 -7.26 -9.63 -7.96
C ALA A 64 -6.31 -10.62 -7.25
N ILE A 65 -5.47 -11.29 -8.01
CA ILE A 65 -4.44 -12.14 -7.45
C ILE A 65 -3.44 -11.28 -6.68
N GLU A 66 -3.04 -10.15 -7.27
CA GLU A 66 -2.12 -9.28 -6.52
C GLU A 66 -2.75 -8.74 -5.24
N ARG A 67 -3.99 -8.30 -5.29
CA ARG A 67 -4.68 -7.87 -4.08
C ARG A 67 -4.73 -8.96 -3.04
N MET A 68 -5.01 -10.20 -3.42
CA MET A 68 -5.14 -11.29 -2.46
C MET A 68 -3.81 -11.48 -1.74
N LYS A 69 -2.67 -11.41 -2.44
CA LYS A 69 -1.41 -11.53 -1.71
C LYS A 69 -1.19 -10.36 -0.74
N ASP A 70 -1.61 -9.17 -1.13
CA ASP A 70 -1.56 -8.02 -0.25
C ASP A 70 -2.42 -8.29 0.99
N THR A 71 -3.62 -8.84 0.79
CA THR A 71 -4.52 -9.13 1.89
C THR A 71 -3.96 -10.17 2.86
N LEU A 72 -3.38 -11.24 2.34
CA LEU A 72 -2.85 -12.28 3.20
C LEU A 72 -1.67 -11.75 4.01
N ARG A 73 -0.84 -10.93 3.38
CA ARG A 73 0.31 -10.39 4.10
C ARG A 73 -0.15 -9.51 5.27
N ILE A 74 -1.09 -8.60 5.05
CA ILE A 74 -1.49 -7.71 6.17
C ILE A 74 -2.35 -8.45 7.18
N ALA A 75 -3.12 -9.43 6.73
CA ALA A 75 -3.84 -10.28 7.67
C ALA A 75 -2.86 -10.99 8.60
N TYR A 76 -1.82 -11.56 8.02
CA TYR A 76 -0.79 -12.23 8.79
C TYR A 76 -0.17 -11.29 9.81
N LEU A 77 0.26 -10.12 9.35
CA LEU A 77 1.00 -9.22 10.20
C LEU A 77 0.14 -8.63 11.32
N THR A 78 -1.17 -8.51 11.09
CA THR A 78 -2.08 -7.95 12.11
C THR A 78 -2.75 -9.02 12.94
N GLU A 79 -2.44 -10.30 12.65
CA GLU A 79 -3.03 -11.43 13.41
C GLU A 79 -4.55 -11.44 13.29
N ALA A 80 -5.04 -10.99 12.15
CA ALA A 80 -6.47 -11.03 11.86
C ALA A 80 -6.97 -12.47 11.70
N LYS A 81 -8.12 -12.75 12.31
CA LYS A 81 -8.72 -14.04 12.26
C LYS A 81 -9.33 -14.24 10.88
N VAL A 82 -8.92 -15.31 10.20
CA VAL A 82 -9.52 -15.73 8.96
C VAL A 82 -10.71 -16.62 9.35
N GLU A 83 -11.87 -16.29 8.77
CA GLU A 83 -13.06 -17.07 8.99
C GLU A 83 -13.03 -18.27 8.06
N LYS A 84 -13.19 -18.02 6.76
CA LYS A 84 -13.23 -19.08 5.77
C LYS A 84 -12.34 -18.78 4.58
N LEU A 85 -11.88 -19.84 3.93
CA LEU A 85 -11.30 -19.77 2.60
C LEU A 85 -12.14 -20.60 1.66
N CYS A 86 -12.40 -20.04 0.47
CA CYS A 86 -12.91 -20.77 -0.66
C CYS A 86 -11.70 -21.12 -1.50
N VAL A 87 -11.55 -22.40 -1.80
CA VAL A 87 -10.38 -22.86 -2.50
C VAL A 87 -10.74 -23.79 -3.63
N TRP A 88 -9.86 -23.85 -4.64
CA TRP A 88 -9.92 -24.90 -5.66
C TRP A 88 -9.14 -26.10 -5.11
N ASN A 89 -9.78 -27.27 -5.15
CA ASN A 89 -9.23 -28.48 -4.57
C ASN A 89 -8.65 -29.42 -5.63
N ASN A 90 -8.50 -28.93 -6.86
CA ASN A 90 -7.81 -29.63 -7.94
C ASN A 90 -6.38 -29.08 -8.11
N LYS A 91 -5.88 -28.46 -7.04
CA LYS A 91 -4.49 -28.02 -6.91
C LYS A 91 -3.97 -28.44 -5.53
N THR A 92 -2.65 -28.69 -5.43
CA THR A 92 -2.05 -28.88 -4.11
C THR A 92 -0.81 -28.02 -3.99
N PRO A 93 -0.71 -27.23 -2.94
CA PRO A 93 -1.78 -26.97 -1.97
C PRO A 93 -3.05 -26.44 -2.60
N HIS A 94 -4.16 -26.55 -1.90
CA HIS A 94 -5.41 -25.97 -2.36
C HIS A 94 -5.18 -24.51 -2.67
N ALA A 95 -5.81 -24.04 -3.73
CA ALA A 95 -5.55 -22.69 -4.25
C ALA A 95 -6.66 -21.72 -3.82
N ILE A 96 -6.29 -20.58 -3.28
CA ILE A 96 -7.28 -19.65 -2.77
C ILE A 96 -8.05 -18.95 -3.88
N ALA A 97 -9.37 -18.97 -3.75
CA ALA A 97 -10.29 -18.23 -4.65
C ALA A 97 -10.89 -17.05 -3.92
N ALA A 98 -11.10 -17.18 -2.61
CA ALA A 98 -11.70 -16.10 -1.82
C ALA A 98 -11.38 -16.29 -0.36
N ILE A 99 -11.44 -15.20 0.40
CA ILE A 99 -11.17 -15.20 1.82
C ILE A 99 -12.23 -14.38 2.52
N SER A 100 -12.63 -14.81 3.73
CA SER A 100 -13.46 -13.99 4.63
C SER A 100 -12.77 -13.85 5.96
N MET A 101 -12.90 -12.65 6.53
CA MET A 101 -12.33 -12.33 7.84
C MET A 101 -13.47 -11.81 8.69
N ALA A 102 -13.51 -12.27 9.92
CA ALA A 102 -14.53 -11.84 10.87
C ALA A 102 -14.03 -12.30 12.23
N ASN A 103 -14.44 -11.61 13.27
CA ASN A 103 -14.18 -12.19 14.59
C ASN A 103 -15.42 -12.88 15.12
N THR B 1 -17.87 21.65 -5.77
CA THR B 1 -18.02 20.19 -5.54
C THR B 1 -18.75 19.92 -4.24
N PRO B 2 -19.27 18.71 -4.08
CA PRO B 2 -19.97 18.34 -2.84
C PRO B 2 -19.07 18.49 -1.63
N GLN B 3 -19.69 18.88 -0.51
CA GLN B 3 -18.97 19.02 0.74
C GLN B 3 -19.10 17.84 1.66
N ASN B 4 -19.99 16.91 1.34
CA ASN B 4 -20.20 15.73 2.17
C ASN B 4 -20.81 14.61 1.35
N ILE B 5 -20.82 13.43 1.95
CA ILE B 5 -21.27 12.22 1.22
C ILE B 5 -22.75 12.25 0.86
N THR B 6 -23.59 12.88 1.68
CA THR B 6 -25.01 12.91 1.44
C THR B 6 -25.32 13.74 0.20
N ASP B 7 -24.67 14.89 0.10
CA ASP B 7 -24.86 15.74 -1.06
C ASP B 7 -24.31 15.08 -2.30
N LEU B 8 -23.16 14.43 -2.17
CA LEU B 8 -22.60 13.71 -3.31
C LEU B 8 -23.56 12.62 -3.80
N CYS B 9 -24.09 11.86 -2.86
CA CYS B 9 -24.93 10.71 -3.15
C CYS B 9 -26.17 11.13 -3.93
N ALA B 10 -26.68 12.30 -3.56
CA ALA B 10 -27.90 12.82 -4.16
C ALA B 10 -27.76 13.26 -5.63
N GLU B 11 -26.53 13.35 -6.14
CA GLU B 11 -26.28 13.70 -7.56
C GLU B 11 -26.56 12.55 -8.53
N TYR B 12 -26.85 11.38 -7.96
CA TYR B 12 -26.99 10.16 -8.74
C TYR B 12 -28.38 9.55 -8.58
N HIS B 13 -28.84 8.89 -9.64
CA HIS B 13 -30.04 8.09 -9.56
C HIS B 13 -29.76 6.73 -8.92
N ASN B 14 -30.81 6.14 -8.37
CA ASN B 14 -30.75 4.79 -7.81
C ASN B 14 -29.73 4.66 -6.68
N THR B 15 -29.55 5.73 -5.92
CA THR B 15 -28.73 5.70 -4.73
C THR B 15 -29.49 6.00 -3.44
N GLN B 16 -28.87 5.61 -2.34
CA GLN B 16 -29.33 6.03 -1.04
C GLN B 16 -28.16 6.02 -0.08
N ILE B 17 -28.34 6.74 1.03
CA ILE B 17 -27.44 6.70 2.16
C ILE B 17 -27.91 5.64 3.17
N HIS B 18 -26.97 4.81 3.62
CA HIS B 18 -27.16 3.96 4.79
C HIS B 18 -26.27 4.54 5.88
N THR B 19 -26.82 4.74 7.08
CA THR B 19 -26.03 5.21 8.17
C THR B 19 -25.73 4.01 9.06
N LEU B 20 -24.44 3.75 9.23
CA LEU B 20 -23.99 2.60 10.01
C LEU B 20 -23.48 3.02 11.38
N ASN B 21 -22.60 4.01 11.43
CA ASN B 21 -21.93 4.41 12.68
C ASN B 21 -21.42 3.20 13.46
N ASP B 22 -20.72 2.32 12.74
CA ASP B 22 -20.21 1.09 13.33
C ASP B 22 -19.02 0.60 12.53
N LYS B 23 -18.16 -0.20 13.15
CA LYS B 23 -17.07 -0.84 12.42
C LYS B 23 -17.63 -1.96 11.56
N ILE B 24 -16.83 -2.35 10.60
CA ILE B 24 -17.16 -3.46 9.72
C ILE B 24 -17.05 -4.79 10.49
N PHE B 25 -18.06 -5.64 10.35
CA PHE B 25 -18.10 -6.94 11.02
C PHE B 25 -17.34 -8.04 10.25
N SER B 26 -17.46 -8.04 8.91
CA SER B 26 -16.73 -9.01 8.12
C SER B 26 -16.31 -8.38 6.82
N TYR B 27 -15.20 -8.88 6.30
CA TYR B 27 -14.62 -8.44 5.05
C TYR B 27 -14.32 -9.69 4.22
N THR B 28 -14.85 -9.75 3.01
CA THR B 28 -14.68 -10.87 2.08
C THR B 28 -14.16 -10.33 0.75
N GLU B 29 -13.17 -11.01 0.18
CA GLU B 29 -12.73 -10.66 -1.19
C GLU B 29 -12.41 -11.91 -1.99
N SER B 30 -12.68 -11.79 -3.28
CA SER B 30 -12.62 -12.91 -4.20
C SER B 30 -11.78 -12.56 -5.41
N LEU B 31 -10.94 -13.53 -5.83
CA LEU B 31 -10.24 -13.45 -7.12
C LEU B 31 -10.82 -14.40 -8.18
N ALA B 32 -11.95 -15.04 -7.88
CA ALA B 32 -12.55 -15.97 -8.83
C ALA B 32 -13.06 -15.20 -10.02
N GLY B 33 -12.92 -15.81 -11.19
CA GLY B 33 -13.25 -15.12 -12.42
C GLY B 33 -14.70 -14.70 -12.51
N LYS B 34 -14.87 -13.44 -12.86
CA LYS B 34 -16.16 -12.76 -13.01
C LYS B 34 -16.79 -12.43 -11.69
N ARG B 35 -16.08 -12.73 -10.58
CA ARG B 35 -16.51 -12.36 -9.23
C ARG B 35 -15.34 -11.75 -8.47
N GLU B 36 -14.59 -10.90 -9.15
CA GLU B 36 -13.47 -10.18 -8.54
C GLU B 36 -14.06 -8.95 -7.84
N MET B 37 -14.45 -9.20 -6.61
CA MET B 37 -15.28 -8.29 -5.83
C MET B 37 -14.93 -8.36 -4.36
N ALA B 38 -15.45 -7.41 -3.59
CA ALA B 38 -15.36 -7.42 -2.13
C ALA B 38 -16.78 -7.33 -1.61
N ILE B 39 -17.00 -7.95 -0.45
CA ILE B 39 -18.27 -7.88 0.26
C ILE B 39 -17.99 -7.56 1.70
N ILE B 40 -18.73 -6.61 2.28
CA ILE B 40 -18.60 -6.33 3.71
C ILE B 40 -19.95 -6.53 4.37
N THR B 41 -19.94 -6.89 5.65
CA THR B 41 -21.16 -6.85 6.45
C THR B 41 -20.93 -6.11 7.73
N PHE B 42 -22.06 -5.70 8.32
CA PHE B 42 -22.09 -5.12 9.64
C PHE B 42 -22.85 -6.04 10.58
N LYS B 43 -22.73 -5.80 11.87
CA LYS B 43 -23.29 -6.73 12.83
C LYS B 43 -24.82 -6.74 12.78
N ASN B 44 -25.41 -5.68 12.25
CA ASN B 44 -26.85 -5.65 12.03
C ASN B 44 -27.32 -6.53 10.85
N GLY B 45 -26.38 -7.16 10.15
CA GLY B 45 -26.70 -7.99 8.99
C GLY B 45 -26.59 -7.30 7.64
N ALA B 46 -26.45 -5.97 7.65
CA ALA B 46 -26.40 -5.21 6.43
C ALA B 46 -25.18 -5.64 5.63
N THR B 47 -25.36 -5.86 4.33
CA THR B 47 -24.34 -6.41 3.45
C THR B 47 -24.19 -5.52 2.23
N PHE B 48 -22.95 -5.27 1.83
CA PHE B 48 -22.67 -4.38 0.71
C PHE B 48 -21.55 -4.94 -0.12
N GLN B 49 -21.56 -4.61 -1.40
CA GLN B 49 -20.48 -5.04 -2.29
C GLN B 49 -19.76 -3.88 -2.90
N VAL B 50 -18.50 -4.14 -3.27
CA VAL B 50 -17.84 -3.37 -4.30
C VAL B 50 -17.98 -4.20 -5.56
N GLU B 51 -18.71 -3.69 -6.56
CA GLU B 51 -18.96 -4.44 -7.77
C GLU B 51 -17.72 -4.84 -8.53
N VAL B 52 -17.83 -5.96 -9.19
CA VAL B 52 -16.87 -6.32 -10.22
C VAL B 52 -16.78 -5.19 -11.24
N PRO B 53 -15.58 -4.78 -11.66
CA PRO B 53 -15.48 -3.77 -12.71
C PRO B 53 -16.16 -4.23 -13.98
N GLY B 54 -16.94 -3.34 -14.57
CA GLY B 54 -17.70 -3.70 -15.77
C GLY B 54 -18.02 -2.55 -16.69
N SER B 55 -18.84 -2.85 -17.70
CA SER B 55 -19.18 -1.87 -18.71
C SER B 55 -19.99 -0.69 -18.16
N GLN B 56 -20.59 -0.86 -16.99
CA GLN B 56 -21.30 0.23 -16.30
C GLN B 56 -20.36 1.30 -15.69
N HIS B 57 -19.06 1.03 -15.70
CA HIS B 57 -18.07 1.90 -15.13
C HIS B 57 -17.31 2.61 -16.23
N ILE B 58 -17.13 3.91 -16.07
CA ILE B 58 -16.24 4.67 -16.97
C ILE B 58 -14.78 4.51 -16.49
N ASP B 59 -13.85 4.87 -17.34
CA ASP B 59 -12.45 4.60 -17.09
C ASP B 59 -11.97 5.22 -15.78
N SER B 60 -12.43 6.42 -15.47
CA SER B 60 -11.99 7.09 -14.25
C SER B 60 -12.45 6.39 -12.97
N GLN B 61 -13.50 5.59 -13.07
CA GLN B 61 -13.94 4.83 -11.92
C GLN B 61 -13.03 3.61 -11.60
N LYS B 62 -12.31 3.10 -12.59
CA LYS B 62 -11.53 1.88 -12.38
C LYS B 62 -10.52 1.98 -11.25
N LYS B 63 -9.71 3.03 -11.22
CA LYS B 63 -8.75 3.25 -10.11
C LYS B 63 -9.49 3.43 -8.80
N ALA B 64 -10.61 4.13 -8.84
CA ALA B 64 -11.36 4.44 -7.63
C ALA B 64 -11.97 3.17 -7.03
N ILE B 65 -12.37 2.21 -7.87
CA ILE B 65 -12.85 0.92 -7.40
C ILE B 65 -11.75 0.19 -6.63
N GLU B 66 -10.56 0.16 -7.22
CA GLU B 66 -9.44 -0.47 -6.53
C GLU B 66 -9.12 0.23 -5.21
N ARG B 67 -9.18 1.56 -5.21
CA ARG B 67 -8.98 2.28 -3.99
C ARG B 67 -10.03 1.93 -2.91
N MET B 68 -11.29 1.83 -3.30
CA MET B 68 -12.35 1.57 -2.34
C MET B 68 -12.13 0.19 -1.66
N LYS B 69 -11.69 -0.80 -2.42
CA LYS B 69 -11.39 -2.10 -1.81
C LYS B 69 -10.20 -2.00 -0.83
N ASP B 70 -9.19 -1.20 -1.18
CA ASP B 70 -8.07 -0.95 -0.26
C ASP B 70 -8.63 -0.32 1.03
N THR B 71 -9.50 0.67 0.89
CA THR B 71 -10.08 1.40 2.03
C THR B 71 -10.90 0.49 2.93
N LEU B 72 -11.73 -0.35 2.34
CA LEU B 72 -12.54 -1.23 3.15
C LEU B 72 -11.69 -2.25 3.91
N ARG B 73 -10.65 -2.76 3.29
CA ARG B 73 -9.76 -3.72 3.97
C ARG B 73 -9.10 -3.09 5.19
N ILE B 74 -8.54 -1.90 5.03
CA ILE B 74 -7.82 -1.30 6.13
C ILE B 74 -8.80 -0.76 7.17
N ALA B 75 -9.98 -0.30 6.76
CA ALA B 75 -11.02 0.06 7.73
C ALA B 75 -11.40 -1.14 8.58
N TYR B 76 -11.58 -2.29 7.92
CA TYR B 76 -11.92 -3.51 8.63
C TYR B 76 -10.83 -3.83 9.63
N LEU B 77 -9.58 -3.86 9.18
CA LEU B 77 -8.49 -4.30 10.06
C LEU B 77 -8.20 -3.36 11.21
N THR B 78 -8.47 -2.07 11.04
CA THR B 78 -8.23 -1.07 12.07
C THR B 78 -9.48 -0.82 12.96
N GLU B 79 -10.57 -1.52 12.66
CA GLU B 79 -11.83 -1.39 13.37
C GLU B 79 -12.36 0.07 13.30
N ALA B 80 -12.11 0.74 12.19
CA ALA B 80 -12.53 2.13 12.02
C ALA B 80 -14.04 2.20 11.90
N LYS B 81 -14.67 3.15 12.57
CA LYS B 81 -16.09 3.33 12.46
C LYS B 81 -16.41 3.88 11.08
N VAL B 82 -17.35 3.21 10.41
CA VAL B 82 -17.95 3.73 9.20
C VAL B 82 -19.16 4.54 9.57
N GLU B 83 -19.21 5.78 9.09
CA GLU B 83 -20.34 6.66 9.37
C GLU B 83 -21.48 6.31 8.40
N LYS B 84 -21.29 6.62 7.12
CA LYS B 84 -22.28 6.37 6.09
C LYS B 84 -21.68 5.68 4.88
N LEU B 85 -22.55 4.98 4.15
CA LEU B 85 -22.28 4.51 2.80
C LEU B 85 -23.32 5.10 1.86
N CYS B 86 -22.85 5.60 0.72
CA CYS B 86 -23.70 5.89 -0.41
C CYS B 86 -23.65 4.65 -1.28
N VAL B 87 -24.79 4.11 -1.63
CA VAL B 87 -24.86 2.88 -2.40
C VAL B 87 -25.85 3.01 -3.52
N TRP B 88 -25.62 2.25 -4.58
CA TRP B 88 -26.63 2.02 -5.60
C TRP B 88 -27.51 0.89 -5.12
N ASN B 89 -28.82 1.15 -5.15
CA ASN B 89 -29.80 0.21 -4.65
C ASN B 89 -30.53 -0.58 -5.74
N ASN B 90 -29.99 -0.57 -6.97
CA ASN B 90 -30.49 -1.41 -8.05
C ASN B 90 -29.56 -2.61 -8.28
N LYS B 91 -28.77 -2.92 -7.25
CA LYS B 91 -27.93 -4.12 -7.19
C LYS B 91 -28.15 -4.81 -5.85
N THR B 92 -27.88 -6.10 -5.83
CA THR B 92 -27.99 -6.93 -4.65
C THR B 92 -26.71 -7.73 -4.49
N PRO B 93 -25.96 -7.57 -3.39
CA PRO B 93 -26.17 -6.58 -2.33
C PRO B 93 -26.02 -5.17 -2.86
N HIS B 94 -26.49 -4.17 -2.12
CA HIS B 94 -26.31 -2.80 -2.60
C HIS B 94 -24.83 -2.52 -2.85
N ALA B 95 -24.56 -1.72 -3.87
CA ALA B 95 -23.21 -1.51 -4.39
C ALA B 95 -22.66 -0.17 -3.92
N ILE B 96 -21.49 -0.22 -3.31
CA ILE B 96 -20.91 0.99 -2.74
C ILE B 96 -20.44 1.98 -3.81
N ALA B 97 -20.88 3.23 -3.64
CA ALA B 97 -20.44 4.38 -4.41
C ALA B 97 -19.50 5.28 -3.61
N ALA B 98 -19.73 5.39 -2.30
CA ALA B 98 -18.92 6.25 -1.47
C ALA B 98 -19.01 5.82 -0.02
N ILE B 99 -17.98 6.19 0.72
CA ILE B 99 -17.90 5.90 2.15
C ILE B 99 -17.44 7.13 2.93
N SER B 100 -18.01 7.33 4.10
CA SER B 100 -17.49 8.32 5.05
C SER B 100 -17.17 7.62 6.35
N MET B 101 -16.10 8.07 6.95
CA MET B 101 -15.62 7.60 8.24
C MET B 101 -15.46 8.79 9.15
N ALA B 102 -16.02 8.66 10.36
CA ALA B 102 -15.87 9.65 11.42
C ALA B 102 -16.01 8.93 12.75
N ASN B 103 -15.44 9.51 13.80
CA ASN B 103 -15.68 9.09 15.18
C ASN B 103 -15.28 7.66 15.47
N THR C 1 14.67 24.28 -4.86
CA THR C 1 13.33 23.75 -4.48
C THR C 1 12.88 24.27 -3.10
N PRO C 2 11.58 24.35 -2.86
CA PRO C 2 11.13 24.91 -1.58
C PRO C 2 11.55 24.07 -0.38
N GLN C 3 11.79 24.75 0.74
CA GLN C 3 12.21 24.06 1.95
C GLN C 3 11.04 23.65 2.80
N ASN C 4 9.85 24.19 2.51
CA ASN C 4 8.69 23.96 3.35
C ASN C 4 7.41 24.24 2.60
N ILE C 5 6.30 23.85 3.18
CA ILE C 5 5.02 23.97 2.52
C ILE C 5 4.60 25.41 2.26
N THR C 6 4.96 26.33 3.16
CA THR C 6 4.58 27.73 3.00
C THR C 6 5.24 28.32 1.76
N ASP C 7 6.53 28.07 1.58
CA ASP C 7 7.24 28.58 0.41
C ASP C 7 6.78 27.88 -0.85
N LEU C 8 6.48 26.59 -0.75
CA LEU C 8 5.95 25.91 -1.91
C LEU C 8 4.61 26.50 -2.35
N CYS C 9 3.73 26.71 -1.37
CA CYS C 9 2.41 27.24 -1.64
C CYS C 9 2.50 28.58 -2.34
N ALA C 10 3.43 29.42 -1.92
CA ALA C 10 3.58 30.78 -2.45
C ALA C 10 4.09 30.81 -3.91
N GLU C 11 4.54 29.68 -4.43
CA GLU C 11 4.93 29.60 -5.84
C GLU C 11 3.73 29.57 -6.79
N TYR C 12 2.54 29.37 -6.26
CA TYR C 12 1.35 29.20 -7.08
C TYR C 12 0.34 30.31 -6.85
N HIS C 13 -0.35 30.68 -7.92
CA HIS C 13 -1.46 31.61 -7.83
C HIS C 13 -2.68 30.93 -7.24
N ASN C 14 -3.54 31.73 -6.64
CA ASN C 14 -4.82 31.29 -6.11
C ASN C 14 -4.71 30.25 -4.98
N THR C 15 -3.67 30.36 -4.17
CA THR C 15 -3.51 29.46 -3.03
C THR C 15 -3.50 30.21 -1.71
N GLN C 16 -3.68 29.42 -0.66
CA GLN C 16 -3.41 29.86 0.69
C GLN C 16 -3.02 28.67 1.55
N ILE C 17 -2.33 28.99 2.62
CA ILE C 17 -2.10 28.06 3.71
C ILE C 17 -3.25 28.13 4.71
N HIS C 18 -3.68 26.95 5.17
CA HIS C 18 -4.51 26.84 6.37
C HIS C 18 -3.67 26.12 7.41
N THR C 19 -3.61 26.65 8.63
CA THR C 19 -2.89 26.01 9.73
C THR C 19 -3.92 25.35 10.61
N LEU C 20 -3.89 24.03 10.66
CA LEU C 20 -4.86 23.25 11.42
C LEU C 20 -4.32 22.73 12.74
N ASN C 21 -3.11 22.20 12.74
CA ASN C 21 -2.56 21.57 13.94
C ASN C 21 -3.59 20.68 14.66
N ASP C 22 -4.17 19.77 13.91
CA ASP C 22 -5.23 18.91 14.39
C ASP C 22 -5.32 17.66 13.52
N LYS C 23 -5.82 16.57 14.10
CA LYS C 23 -6.13 15.39 13.29
C LYS C 23 -7.38 15.63 12.46
N ILE C 24 -7.51 14.81 11.42
CA ILE C 24 -8.68 14.84 10.53
C ILE C 24 -9.88 14.28 11.29
N PHE C 25 -11.02 14.99 11.22
CA PHE C 25 -12.25 14.59 11.90
C PHE C 25 -13.05 13.56 11.08
N SER C 26 -13.11 13.75 9.76
CA SER C 26 -13.80 12.80 8.92
C SER C 26 -13.08 12.67 7.57
N TYR C 27 -13.22 11.49 6.94
CA TYR C 27 -12.62 11.13 5.66
C TYR C 27 -13.73 10.50 4.82
N THR C 28 -13.91 11.03 3.63
CA THR C 28 -14.89 10.54 2.69
C THR C 28 -14.23 10.30 1.35
N GLU C 29 -14.57 9.18 0.72
CA GLU C 29 -14.10 8.96 -0.65
C GLU C 29 -15.20 8.34 -1.49
N SER C 30 -15.13 8.60 -2.80
CA SER C 30 -16.16 8.28 -3.76
C SER C 30 -15.55 7.66 -4.99
N LEU C 31 -16.22 6.61 -5.49
CA LEU C 31 -15.96 6.04 -6.81
C LEU C 31 -17.05 6.34 -7.83
N ALA C 32 -17.99 7.20 -7.47
CA ALA C 32 -19.05 7.56 -8.39
C ALA C 32 -18.49 8.36 -9.57
N GLY C 33 -19.03 8.09 -10.76
CA GLY C 33 -18.48 8.66 -11.99
C GLY C 33 -18.53 10.17 -11.96
N LYS C 34 -17.40 10.78 -12.35
CA LYS C 34 -17.16 12.22 -12.32
C LYS C 34 -17.05 12.82 -10.94
N ARG C 35 -17.14 11.98 -9.91
CA ARG C 35 -16.93 12.41 -8.52
C ARG C 35 -15.95 11.47 -7.79
N GLU C 36 -14.93 11.06 -8.54
CA GLU C 36 -13.86 10.24 -7.96
C GLU C 36 -12.91 11.15 -7.20
N MET C 37 -13.27 11.38 -5.94
CA MET C 37 -12.67 12.41 -5.09
C MET C 37 -12.60 11.96 -3.65
N ALA C 38 -11.86 12.71 -2.82
CA ALA C 38 -11.88 12.55 -1.38
C ALA C 38 -12.23 13.90 -0.77
N ILE C 39 -12.86 13.87 0.39
CA ILE C 39 -13.21 15.05 1.17
C ILE C 39 -12.78 14.77 2.59
N ILE C 40 -12.10 15.72 3.23
CA ILE C 40 -11.80 15.62 4.64
C ILE C 40 -12.39 16.83 5.35
N THR C 41 -12.73 16.64 6.62
CA THR C 41 -13.11 17.74 7.50
C THR C 41 -12.34 17.73 8.79
N PHE C 42 -12.30 18.88 9.43
CA PHE C 42 -11.71 19.03 10.75
C PHE C 42 -12.82 19.42 11.68
N LYS C 43 -12.58 19.27 12.97
CA LYS C 43 -13.62 19.46 13.96
C LYS C 43 -14.14 20.91 13.99
N ASN C 44 -13.30 21.87 13.58
CA ASN C 44 -13.73 23.26 13.42
C ASN C 44 -14.65 23.54 12.22
N GLY C 45 -14.95 22.51 11.42
CA GLY C 45 -15.83 22.64 10.28
C GLY C 45 -15.11 22.80 8.94
N ALA C 46 -13.82 23.11 8.99
CA ALA C 46 -13.10 23.29 7.74
C ALA C 46 -13.16 22.00 6.93
N THR C 47 -13.41 22.17 5.63
CA THR C 47 -13.64 21.09 4.69
C THR C 47 -12.75 21.28 3.48
N PHE C 48 -12.13 20.20 3.00
CA PHE C 48 -11.20 20.25 1.88
C PHE C 48 -11.42 19.09 0.97
N GLN C 49 -11.09 19.28 -0.31
CA GLN C 49 -11.20 18.18 -1.26
C GLN C 49 -9.88 17.86 -1.90
N VAL C 50 -9.73 16.61 -2.33
CA VAL C 50 -8.78 16.26 -3.38
C VAL C 50 -9.64 16.18 -4.63
N GLU C 51 -9.37 17.11 -5.55
CA GLU C 51 -10.17 17.23 -6.75
C GLU C 51 -10.13 15.99 -7.61
N VAL C 52 -11.23 15.77 -8.30
CA VAL C 52 -11.29 14.80 -9.38
C VAL C 52 -10.25 15.14 -10.44
N PRO C 53 -9.47 14.18 -10.89
CA PRO C 53 -8.48 14.47 -11.93
C PRO C 53 -9.16 15.06 -13.15
N GLY C 54 -8.62 16.17 -13.63
CA GLY C 54 -9.23 16.90 -14.73
C GLY C 54 -8.22 17.55 -15.64
N SER C 55 -8.76 18.31 -16.57
CA SER C 55 -7.94 18.95 -17.59
C SER C 55 -7.07 20.04 -17.03
N GLN C 56 -7.34 20.52 -15.80
CA GLN C 56 -6.48 21.49 -15.13
C GLN C 56 -5.20 20.88 -14.60
N HIS C 57 -5.14 19.56 -14.61
CA HIS C 57 -3.99 18.84 -14.09
C HIS C 57 -3.04 18.41 -15.20
N ILE C 58 -1.75 18.56 -14.99
CA ILE C 58 -0.78 18.01 -15.91
C ILE C 58 -0.52 16.56 -15.56
N ASP C 59 0.00 15.81 -16.52
CA ASP C 59 0.16 14.35 -16.40
C ASP C 59 0.93 13.94 -15.15
N SER C 60 1.99 14.68 -14.82
CA SER C 60 2.81 14.37 -13.67
C SER C 60 2.01 14.48 -12.34
N GLN C 61 0.90 15.22 -12.37
CA GLN C 61 0.11 15.37 -11.15
C GLN C 61 -0.77 14.14 -10.86
N LYS C 62 -1.04 13.34 -11.90
CA LYS C 62 -1.97 12.19 -11.73
C LYS C 62 -1.54 11.22 -10.62
N LYS C 63 -0.29 10.80 -10.65
CA LYS C 63 0.18 9.89 -9.59
C LYS C 63 0.15 10.58 -8.24
N ALA C 64 0.45 11.88 -8.23
CA ALA C 64 0.52 12.62 -6.99
C ALA C 64 -0.86 12.80 -6.35
N ILE C 65 -1.91 12.94 -7.18
CA ILE C 65 -3.27 12.99 -6.69
C ILE C 65 -3.64 11.66 -6.00
N GLU C 66 -3.26 10.53 -6.63
CA GLU C 66 -3.55 9.25 -6.02
C GLU C 66 -2.78 9.10 -4.70
N ARG C 67 -1.52 9.50 -4.71
CA ARG C 67 -0.74 9.47 -3.47
C ARG C 67 -1.39 10.30 -2.36
N MET C 68 -1.86 11.48 -2.71
CA MET C 68 -2.44 12.36 -1.69
C MET C 68 -3.66 11.72 -1.02
N LYS C 69 -4.51 11.06 -1.80
CA LYS C 69 -5.64 10.38 -1.19
C LYS C 69 -5.18 9.24 -0.30
N ASP C 70 -4.12 8.54 -0.72
CA ASP C 70 -3.51 7.51 0.16
C ASP C 70 -3.07 8.13 1.49
N THR C 71 -2.41 9.28 1.41
CA THR C 71 -1.90 9.97 2.58
C THR C 71 -3.01 10.40 3.51
N LEU C 72 -4.07 10.97 2.95
CA LEU C 72 -5.15 11.43 3.80
C LEU C 72 -5.86 10.29 4.50
N ARG C 73 -6.04 9.17 3.78
CA ARG C 73 -6.65 8.01 4.39
C ARG C 73 -5.85 7.51 5.60
N ILE C 74 -4.55 7.28 5.41
CA ILE C 74 -3.72 6.81 6.52
C ILE C 74 -3.54 7.83 7.68
N ALA C 75 -3.43 9.11 7.32
CA ALA C 75 -3.40 10.16 8.32
C ALA C 75 -4.68 10.11 9.14
N TYR C 76 -5.83 9.97 8.47
CA TYR C 76 -7.08 9.85 9.20
C TYR C 76 -7.09 8.65 10.16
N LEU C 77 -6.69 7.49 9.65
CA LEU C 77 -6.83 6.26 10.43
C LEU C 77 -5.86 6.20 11.59
N THR C 78 -4.72 6.86 11.46
CA THR C 78 -3.71 6.90 12.53
C THR C 78 -3.82 8.14 13.44
N GLU C 79 -4.80 8.98 13.18
CA GLU C 79 -4.99 10.21 13.96
C GLU C 79 -3.77 11.12 13.94
N ALA C 80 -3.05 11.09 12.82
CA ALA C 80 -1.90 11.96 12.64
C ALA C 80 -2.31 13.43 12.60
N LYS C 81 -1.60 14.26 13.38
CA LYS C 81 -1.86 15.68 13.40
C LYS C 81 -1.43 16.27 12.08
N VAL C 82 -2.35 16.97 11.39
CA VAL C 82 -2.03 17.75 10.22
C VAL C 82 -1.61 19.13 10.69
N GLU C 83 -0.43 19.56 10.26
CA GLU C 83 0.07 20.88 10.58
C GLU C 83 -0.62 21.90 9.67
N LYS C 84 -0.26 21.88 8.39
CA LYS C 84 -0.78 22.81 7.40
C LYS C 84 -1.28 22.10 6.15
N LEU C 85 -2.22 22.76 5.47
CA LEU C 85 -2.59 22.44 4.11
C LEU C 85 -2.32 23.66 3.26
N CYS C 86 -1.72 23.42 2.12
CA CYS C 86 -1.71 24.40 1.03
C CYS C 86 -2.86 24.03 0.13
N VAL C 87 -3.73 24.98 -0.16
CA VAL C 87 -4.88 24.75 -0.98
C VAL C 87 -5.02 25.80 -2.07
N TRP C 88 -5.70 25.43 -3.13
CA TRP C 88 -6.26 26.40 -4.07
C TRP C 88 -7.61 26.84 -3.52
N ASN C 89 -7.74 28.14 -3.26
CA ASN C 89 -8.94 28.73 -2.70
C ASN C 89 -9.80 29.41 -3.76
N ASN C 90 -9.64 28.97 -5.02
CA ASN C 90 -10.56 29.30 -6.12
C ASN C 90 -11.46 28.12 -6.47
N LYS C 91 -11.66 27.25 -5.48
CA LYS C 91 -12.54 26.07 -5.58
C LYS C 91 -13.24 25.94 -4.23
N THR C 92 -14.43 25.36 -4.24
CA THR C 92 -15.22 25.09 -3.04
C THR C 92 -15.60 23.62 -3.05
N PRO C 93 -15.26 22.82 -2.03
CA PRO C 93 -14.35 23.19 -0.94
C PRO C 93 -12.97 23.50 -1.48
N HIS C 94 -12.14 24.15 -0.69
CA HIS C 94 -10.78 24.45 -1.11
C HIS C 94 -10.11 23.11 -1.49
N ALA C 95 -9.27 23.16 -2.53
CA ALA C 95 -8.63 21.98 -3.11
C ALA C 95 -7.20 21.83 -2.64
N ILE C 96 -6.87 20.65 -2.15
CA ILE C 96 -5.57 20.41 -1.55
C ILE C 96 -4.48 20.35 -2.64
N ALA C 97 -3.43 21.12 -2.40
CA ALA C 97 -2.22 21.13 -3.20
C ALA C 97 -1.07 20.46 -2.47
N ALA C 98 -1.02 20.58 -1.15
CA ALA C 98 0.06 19.99 -0.36
C ALA C 98 -0.37 19.87 1.09
N ILE C 99 0.28 18.95 1.81
CA ILE C 99 0.02 18.74 3.22
C ILE C 99 1.34 18.65 3.96
N SER C 100 1.37 19.16 5.19
CA SER C 100 2.49 18.93 6.11
C SER C 100 1.95 18.34 7.39
N MET C 101 2.71 17.41 7.93
CA MET C 101 2.45 16.80 9.22
C MET C 101 3.66 16.97 10.10
N ALA C 102 3.40 17.37 11.33
CA ALA C 102 4.40 17.53 12.35
C ALA C 102 3.59 17.37 13.62
N ASN C 103 4.23 16.79 14.63
CA ASN C 103 3.78 16.87 16.04
C ASN C 103 2.61 15.98 16.42
N THR D 1 27.66 -6.03 -5.20
CA THR D 1 26.64 -5.08 -4.67
C THR D 1 27.11 -4.52 -3.36
N PRO D 2 26.82 -3.26 -3.07
CA PRO D 2 27.27 -2.67 -1.82
C PRO D 2 26.63 -3.38 -0.65
N GLN D 3 27.32 -3.41 0.48
CA GLN D 3 26.80 -4.06 1.67
C GLN D 3 25.96 -3.13 2.51
N ASN D 4 26.13 -1.83 2.32
CA ASN D 4 25.47 -0.87 3.20
C ASN D 4 25.32 0.46 2.47
N ILE D 5 24.55 1.36 3.08
CA ILE D 5 24.27 2.64 2.47
C ILE D 5 25.52 3.50 2.26
N THR D 6 26.48 3.40 3.18
CA THR D 6 27.68 4.20 3.05
C THR D 6 28.48 3.78 1.78
N ASP D 7 28.62 2.49 1.54
CA ASP D 7 29.32 2.00 0.36
C ASP D 7 28.53 2.33 -0.92
N LEU D 8 27.21 2.20 -0.87
CA LEU D 8 26.38 2.57 -1.98
C LEU D 8 26.56 4.06 -2.31
N CYS D 9 26.52 4.91 -1.29
CA CYS D 9 26.62 6.35 -1.48
C CYS D 9 27.91 6.74 -2.21
N ALA D 10 28.99 6.05 -1.86
CA ALA D 10 30.33 6.34 -2.36
C ALA D 10 30.48 6.03 -3.86
N GLU D 11 29.53 5.31 -4.45
CA GLU D 11 29.60 4.99 -5.87
C GLU D 11 29.16 6.14 -6.79
N TYR D 12 28.68 7.23 -6.20
CA TYR D 12 28.12 8.35 -6.95
C TYR D 12 28.86 9.64 -6.68
N HIS D 13 28.92 10.48 -7.70
CA HIS D 13 29.37 11.87 -7.52
C HIS D 13 28.31 12.76 -6.85
N ASN D 14 28.78 13.81 -6.19
CA ASN D 14 27.94 14.81 -5.55
C ASN D 14 27.07 14.21 -4.44
N THR D 15 27.60 13.25 -3.70
CA THR D 15 26.83 12.69 -2.60
C THR D 15 27.54 12.81 -1.26
N GLN D 16 26.74 12.68 -0.22
CA GLN D 16 27.25 12.56 1.13
C GLN D 16 26.25 11.82 2.00
N ILE D 17 26.77 11.30 3.09
CA ILE D 17 25.96 10.65 4.10
C ILE D 17 25.66 11.65 5.22
N HIS D 18 24.40 11.71 5.60
CA HIS D 18 23.97 12.33 6.84
C HIS D 18 23.57 11.23 7.81
N THR D 19 24.11 11.30 9.03
CA THR D 19 23.79 10.35 10.09
C THR D 19 22.85 11.06 11.07
N LEU D 20 21.58 10.67 11.04
CA LEU D 20 20.55 11.30 11.86
C LEU D 20 20.27 10.53 13.14
N ASN D 21 20.13 9.21 13.06
CA ASN D 21 19.68 8.41 14.21
C ASN D 21 18.53 9.05 14.96
N ASP D 22 17.50 9.42 14.21
CA ASP D 22 16.33 10.10 14.75
C ASP D 22 15.14 9.85 13.88
N LYS D 23 13.96 9.94 14.48
CA LYS D 23 12.73 9.89 13.71
C LYS D 23 12.56 11.19 12.93
N ILE D 24 11.69 11.14 11.93
CA ILE D 24 11.40 12.27 11.08
C ILE D 24 10.53 13.22 11.92
N PHE D 25 10.89 14.50 11.89
CA PHE D 25 10.14 15.55 12.59
C PHE D 25 8.92 16.03 11.83
N SER D 26 9.08 16.22 10.51
CA SER D 26 7.95 16.61 9.66
C SER D 26 8.02 15.98 8.29
N TYR D 27 6.83 15.77 7.74
CA TYR D 27 6.64 15.16 6.46
C TYR D 27 5.68 16.05 5.66
N THR D 28 6.15 16.49 4.51
CA THR D 28 5.38 17.30 3.57
C THR D 28 5.32 16.67 2.20
N GLU D 29 4.15 16.69 1.60
CA GLU D 29 4.01 16.17 0.24
C GLU D 29 3.08 17.07 -0.58
N SER D 30 3.43 17.20 -1.84
CA SER D 30 2.79 18.11 -2.77
C SER D 30 2.36 17.43 -4.06
N LEU D 31 1.19 17.77 -4.55
CA LEU D 31 0.70 17.36 -5.85
C LEU D 31 0.64 18.56 -6.81
N ALA D 32 1.19 19.71 -6.41
CA ALA D 32 1.19 20.89 -7.27
C ALA D 32 2.07 20.63 -8.50
N GLY D 33 1.65 21.16 -9.64
CA GLY D 33 2.34 20.89 -10.89
C GLY D 33 3.78 21.35 -10.86
N LYS D 34 4.67 20.45 -11.27
CA LYS D 34 6.13 20.64 -11.31
C LYS D 34 6.76 20.65 -9.94
N ARG D 35 5.96 20.42 -8.90
CA ARG D 35 6.46 20.26 -7.56
C ARG D 35 5.83 19.03 -6.90
N GLU D 36 5.74 17.95 -7.68
CA GLU D 36 5.21 16.70 -7.17
C GLU D 36 6.35 16.00 -6.44
N MET D 37 6.44 16.27 -5.16
CA MET D 37 7.62 15.95 -4.34
C MET D 37 7.24 15.77 -2.89
N ALA D 38 8.22 15.27 -2.13
CA ALA D 38 8.11 15.19 -0.69
C ALA D 38 9.30 15.90 -0.08
N ILE D 39 9.08 16.50 1.08
CA ILE D 39 10.12 17.13 1.86
C ILE D 39 10.03 16.63 3.29
N ILE D 40 11.16 16.26 3.89
CA ILE D 40 11.14 15.87 5.28
C ILE D 40 12.13 16.76 6.06
N THR D 41 11.87 16.93 7.35
CA THR D 41 12.83 17.53 8.26
C THR D 41 13.02 16.71 9.48
N PHE D 42 14.17 16.95 10.13
CA PHE D 42 14.49 16.41 11.45
C PHE D 42 14.55 17.52 12.50
N LYS D 43 14.53 17.15 13.77
CA LYS D 43 14.49 18.14 14.85
C LYS D 43 15.67 19.12 14.77
N ASN D 44 16.81 18.62 14.30
CA ASN D 44 18.01 19.45 14.14
C ASN D 44 17.89 20.52 13.03
N GLY D 45 16.78 20.50 12.30
CA GLY D 45 16.52 21.43 11.21
C GLY D 45 16.92 20.90 9.81
N ALA D 46 17.66 19.81 9.75
CA ALA D 46 18.11 19.26 8.48
C ALA D 46 16.87 18.91 7.65
N THR D 47 16.93 19.32 6.39
CA THR D 47 15.81 19.22 5.45
C THR D 47 16.25 18.48 4.21
N PHE D 48 15.37 17.65 3.69
CA PHE D 48 15.69 16.79 2.54
C PHE D 48 14.47 16.66 1.67
N GLN D 49 14.70 16.50 0.38
CA GLN D 49 13.63 16.26 -0.58
C GLN D 49 13.75 14.92 -1.30
N VAL D 50 12.61 14.41 -1.74
CA VAL D 50 12.56 13.47 -2.84
C VAL D 50 12.20 14.30 -4.05
N GLU D 51 13.15 14.36 -4.97
CA GLU D 51 13.00 15.21 -6.15
C GLU D 51 11.80 14.83 -7.01
N VAL D 52 11.29 15.84 -7.69
CA VAL D 52 10.34 15.65 -8.76
C VAL D 52 11.01 14.77 -9.82
N PRO D 53 10.32 13.77 -10.34
CA PRO D 53 10.91 12.96 -11.41
C PRO D 53 11.23 13.85 -12.60
N GLY D 54 12.40 13.65 -13.17
CA GLY D 54 12.84 14.51 -14.22
C GLY D 54 13.77 13.85 -15.20
N SER D 55 14.30 14.62 -16.16
CA SER D 55 15.13 14.06 -17.21
C SER D 55 16.47 13.56 -16.69
N GLN D 56 16.85 13.96 -15.47
CA GLN D 56 18.07 13.42 -14.85
C GLN D 56 17.91 11.99 -14.33
N HIS D 57 16.69 11.48 -14.32
CA HIS D 57 16.40 10.16 -13.78
C HIS D 57 16.26 9.19 -14.90
N ILE D 58 16.84 8.02 -14.77
CA ILE D 58 16.62 6.97 -15.76
C ILE D 58 15.32 6.25 -15.42
N ASP D 59 14.83 5.49 -16.38
CA ASP D 59 13.52 4.86 -16.23
C ASP D 59 13.41 4.01 -14.97
N SER D 60 14.46 3.25 -14.67
CA SER D 60 14.45 2.35 -13.54
C SER D 60 14.31 3.09 -12.21
N GLN D 61 14.68 4.37 -12.19
CA GLN D 61 14.55 5.14 -10.97
C GLN D 61 13.13 5.61 -10.70
N LYS D 62 12.29 5.68 -11.73
CA LYS D 62 10.92 6.17 -11.53
C LYS D 62 10.13 5.42 -10.46
N LYS D 63 10.11 4.10 -10.51
CA LYS D 63 9.37 3.31 -9.52
C LYS D 63 10.00 3.49 -8.14
N ALA D 64 11.34 3.63 -8.09
CA ALA D 64 12.04 3.73 -6.82
C ALA D 64 11.77 5.10 -6.15
N ILE D 65 11.56 6.14 -6.94
CA ILE D 65 11.16 7.45 -6.40
C ILE D 65 9.81 7.32 -5.69
N GLU D 66 8.88 6.62 -6.34
CA GLU D 66 7.57 6.42 -5.73
C GLU D 66 7.67 5.62 -4.45
N ARG D 67 8.49 4.57 -4.47
CA ARG D 67 8.71 3.76 -3.27
C ARG D 67 9.30 4.59 -2.16
N MET D 68 10.25 5.45 -2.48
CA MET D 68 10.88 6.23 -1.42
C MET D 68 9.87 7.15 -0.72
N LYS D 69 9.00 7.79 -1.50
CA LYS D 69 7.97 8.59 -0.87
C LYS D 69 7.03 7.76 0.02
N ASP D 70 6.74 6.54 -0.41
CA ASP D 70 5.95 5.64 0.41
C ASP D 70 6.70 5.35 1.72
N THR D 71 7.99 5.06 1.61
CA THR D 71 8.84 4.75 2.78
C THR D 71 8.90 5.89 3.75
N LEU D 72 9.10 7.10 3.25
CA LEU D 72 9.20 8.26 4.15
C LEU D 72 7.89 8.50 4.88
N ARG D 73 6.76 8.35 4.20
CA ARG D 73 5.48 8.59 4.83
C ARG D 73 5.25 7.61 5.96
N ILE D 74 5.46 6.32 5.73
CA ILE D 74 5.19 5.36 6.77
C ILE D 74 6.23 5.40 7.89
N ALA D 75 7.49 5.71 7.56
CA ALA D 75 8.50 5.93 8.58
C ALA D 75 8.07 7.09 9.45
N TYR D 76 7.64 8.19 8.86
CA TYR D 76 7.12 9.33 9.63
C TYR D 76 5.99 8.91 10.57
N LEU D 77 5.00 8.21 10.02
CA LEU D 77 3.80 7.89 10.80
C LEU D 77 4.07 6.89 11.94
N THR D 78 5.07 6.05 11.78
CA THR D 78 5.40 5.05 12.78
C THR D 78 6.53 5.50 13.70
N GLU D 79 7.04 6.70 13.50
CA GLU D 79 8.16 7.23 14.29
C GLU D 79 9.40 6.35 14.22
N ALA D 80 9.61 5.71 13.08
CA ALA D 80 10.76 4.87 12.85
C ALA D 80 12.03 5.71 12.84
N LYS D 81 13.03 5.27 13.59
CA LYS D 81 14.31 5.95 13.61
C LYS D 81 14.99 5.77 12.24
N VAL D 82 15.37 6.89 11.63
CA VAL D 82 16.20 6.91 10.44
C VAL D 82 17.65 6.94 10.88
N GLU D 83 18.43 5.99 10.38
CA GLU D 83 19.83 5.92 10.75
C GLU D 83 20.61 6.93 9.85
N LYS D 84 20.68 6.63 8.55
CA LYS D 84 21.41 7.46 7.63
C LYS D 84 20.59 7.77 6.37
N LEU D 85 20.93 8.91 5.75
CA LEU D 85 20.48 9.24 4.40
C LEU D 85 21.72 9.47 3.54
N CYS D 86 21.71 8.88 2.36
CA CYS D 86 22.60 9.25 1.27
C CYS D 86 21.87 10.24 0.40
N VAL D 87 22.51 11.38 0.15
CA VAL D 87 21.87 12.48 -0.57
C VAL D 87 22.80 13.01 -1.63
N TRP D 88 22.20 13.53 -2.70
CA TRP D 88 22.88 14.42 -3.61
C TRP D 88 22.90 15.84 -3.04
N ASN D 89 24.10 16.41 -2.95
CA ASN D 89 24.32 17.72 -2.33
C ASN D 89 24.44 18.85 -3.33
N ASN D 90 24.17 18.55 -4.59
CA ASN D 90 24.11 19.58 -5.63
C ASN D 90 22.68 20.06 -5.87
N LYS D 91 21.80 19.79 -4.92
CA LYS D 91 20.43 20.29 -4.91
C LYS D 91 20.12 20.85 -3.52
N THR D 92 19.15 21.76 -3.48
CA THR D 92 18.61 22.25 -2.20
C THR D 92 17.08 22.15 -2.22
N PRO D 93 16.48 21.55 -1.21
CA PRO D 93 17.18 20.75 -0.16
C PRO D 93 17.98 19.60 -0.77
N HIS D 94 18.94 19.04 -0.03
CA HIS D 94 19.62 17.85 -0.50
C HIS D 94 18.60 16.77 -0.89
N ALA D 95 18.92 16.05 -1.96
CA ALA D 95 17.99 15.12 -2.59
C ALA D 95 18.30 13.70 -2.18
N ILE D 96 17.32 12.99 -1.68
CA ILE D 96 17.54 11.66 -1.15
C ILE D 96 17.80 10.68 -2.28
N ALA D 97 18.91 9.93 -2.10
CA ALA D 97 19.29 8.82 -2.97
C ALA D 97 19.01 7.46 -2.26
N ALA D 98 19.23 7.40 -0.95
CA ALA D 98 18.98 6.19 -0.17
C ALA D 98 18.73 6.49 1.28
N ILE D 99 18.08 5.55 1.95
CA ILE D 99 17.77 5.66 3.38
C ILE D 99 18.11 4.35 4.07
N SER D 100 18.59 4.45 5.29
CA SER D 100 18.70 3.27 6.14
C SER D 100 17.97 3.54 7.46
N MET D 101 17.34 2.50 7.99
CA MET D 101 16.58 2.55 9.24
C MET D 101 17.15 1.42 10.06
N ALA D 102 17.42 1.74 11.33
CA ALA D 102 17.87 0.78 12.31
C ALA D 102 17.51 1.38 13.66
N ASN D 103 17.24 0.50 14.62
CA ASN D 103 16.61 0.83 15.92
C ASN D 103 17.14 2.06 16.63
N THR E 1 2.26 -27.59 -6.35
N THR E 1 4.38 -26.31 -7.13
CA THR E 1 3.19 -26.46 -6.09
CA THR E 1 3.30 -26.57 -6.15
C THR E 1 3.86 -26.72 -4.75
N PRO E 2 4.86 -25.90 -4.41
CA PRO E 2 5.53 -26.04 -3.11
C PRO E 2 4.62 -25.90 -1.93
N GLN E 3 4.87 -26.76 -0.95
CA GLN E 3 4.17 -26.72 0.31
C GLN E 3 4.81 -25.71 1.23
N ASN E 4 6.07 -25.36 0.99
CA ASN E 4 6.80 -24.53 1.92
C ASN E 4 8.05 -23.97 1.26
N ILE E 5 8.71 -23.04 1.96
CA ILE E 5 9.84 -22.33 1.41
C ILE E 5 11.03 -23.25 1.14
N THR E 6 11.18 -24.31 1.94
CA THR E 6 12.30 -25.19 1.73
C THR E 6 12.15 -25.97 0.42
N ASP E 7 10.98 -26.53 0.17
CA ASP E 7 10.73 -27.23 -1.10
C ASP E 7 10.83 -26.29 -2.30
N LEU E 8 10.36 -25.07 -2.14
CA LEU E 8 10.42 -24.10 -3.21
C LEU E 8 11.89 -23.80 -3.55
N CYS E 9 12.66 -23.52 -2.52
CA CYS E 9 14.06 -23.15 -2.66
C CYS E 9 14.86 -24.26 -3.36
N ALA E 10 14.49 -25.52 -3.08
CA ALA E 10 15.18 -26.67 -3.65
C ALA E 10 14.96 -26.81 -5.15
N GLU E 11 13.97 -26.11 -5.70
CA GLU E 11 13.74 -26.17 -7.14
C GLU E 11 14.75 -25.41 -7.97
N TYR E 12 15.60 -24.63 -7.32
CA TYR E 12 16.50 -23.69 -7.99
C TYR E 12 17.96 -24.03 -7.72
N HIS E 13 18.82 -23.74 -8.70
CA HIS E 13 20.26 -23.86 -8.51
C HIS E 13 20.81 -22.64 -7.78
N ASN E 14 21.93 -22.84 -7.12
CA ASN E 14 22.64 -21.77 -6.41
C ASN E 14 21.83 -21.18 -5.27
N THR E 15 20.94 -21.96 -4.67
CA THR E 15 20.19 -21.44 -3.52
C THR E 15 20.53 -22.13 -2.23
N GLN E 16 20.21 -21.45 -1.15
CA GLN E 16 20.25 -22.05 0.17
C GLN E 16 19.22 -21.40 1.06
N ILE E 17 18.82 -22.15 2.09
CA ILE E 17 17.96 -21.63 3.16
C ILE E 17 18.83 -21.09 4.29
N HIS E 18 18.49 -19.88 4.76
CA HIS E 18 18.98 -19.34 6.01
C HIS E 18 17.81 -19.33 6.97
N THR E 19 18.00 -19.94 8.12
CA THR E 19 17.02 -19.90 9.18
C THR E 19 17.41 -18.83 10.22
N LEU E 20 16.60 -17.79 10.29
CA LEU E 20 16.88 -16.63 11.13
C LEU E 20 16.08 -16.63 12.43
N ASN E 21 14.78 -16.88 12.31
CA ASN E 21 13.89 -16.78 13.47
C ASN E 21 14.14 -15.50 14.29
N ASP E 22 14.15 -14.37 13.58
CA ASP E 22 14.42 -13.10 14.22
C ASP E 22 13.85 -11.97 13.37
N LYS E 23 13.59 -10.84 14.02
CA LYS E 23 13.20 -9.64 13.28
C LYS E 23 14.38 -9.05 12.50
N ILE E 24 14.06 -8.27 11.47
CA ILE E 24 15.05 -7.52 10.72
C ILE E 24 15.64 -6.41 11.58
N PHE E 25 16.98 -6.33 11.61
CA PHE E 25 17.68 -5.32 12.38
C PHE E 25 17.82 -3.98 11.66
N SER E 26 18.04 -4.04 10.35
CA SER E 26 18.11 -2.81 9.55
C SER E 26 17.55 -2.98 8.15
N TYR E 27 17.01 -1.89 7.60
CA TYR E 27 16.37 -1.86 6.29
C TYR E 27 16.90 -0.66 5.56
N THR E 28 17.49 -0.92 4.40
CA THR E 28 18.05 0.11 3.56
C THR E 28 17.40 0.01 2.18
N GLU E 29 17.08 1.16 1.56
CA GLU E 29 16.61 1.17 0.19
C GLU E 29 17.15 2.38 -0.54
N SER E 30 17.38 2.15 -1.83
CA SER E 30 18.05 3.08 -2.71
C SER E 30 17.25 3.34 -3.99
N LEU E 31 17.23 4.60 -4.42
CA LEU E 31 16.69 4.98 -5.72
C LEU E 31 17.81 5.45 -6.66
N ALA E 32 19.05 5.32 -6.23
CA ALA E 32 20.19 5.71 -7.06
C ALA E 32 20.24 4.83 -8.32
N GLY E 33 20.64 5.43 -9.43
CA GLY E 33 20.58 4.81 -10.72
C GLY E 33 21.44 3.58 -10.81
N LYS E 34 20.83 2.49 -11.26
CA LYS E 34 21.49 1.16 -11.36
C LYS E 34 21.72 0.50 -10.00
N ARG E 35 21.21 1.12 -8.93
CA ARG E 35 21.25 0.54 -7.58
C ARG E 35 19.90 0.70 -6.90
N GLU E 36 18.84 0.45 -7.68
CA GLU E 36 17.48 0.53 -7.17
C GLU E 36 17.20 -0.82 -6.51
N MET E 37 17.54 -0.90 -5.23
CA MET E 37 17.60 -2.15 -4.50
C MET E 37 17.24 -1.91 -3.05
N ALA E 38 17.07 -3.00 -2.32
CA ALA E 38 16.95 -2.95 -0.88
C ALA E 38 18.00 -3.89 -0.28
N ILE E 39 18.49 -3.55 0.90
CA ILE E 39 19.40 -4.37 1.69
C ILE E 39 18.84 -4.50 3.11
N ILE E 40 18.81 -5.72 3.67
CA ILE E 40 18.48 -5.89 5.09
C ILE E 40 19.62 -6.54 5.83
N THR E 41 19.67 -6.34 7.16
CA THR E 41 20.55 -7.09 8.01
C THR E 41 19.79 -7.62 9.19
N PHE E 42 20.41 -8.62 9.81
CA PHE E 42 19.92 -9.18 11.06
C PHE E 42 20.93 -8.86 12.15
N LYS E 43 20.55 -9.01 13.41
CA LYS E 43 21.38 -8.55 14.51
C LYS E 43 22.78 -9.16 14.46
N ASN E 44 22.89 -10.40 13.97
CA ASN E 44 24.17 -11.11 13.91
C ASN E 44 25.11 -10.53 12.85
N GLY E 45 24.56 -9.69 11.99
CA GLY E 45 25.31 -9.07 10.92
C GLY E 45 24.97 -9.57 9.54
N ALA E 46 24.36 -10.74 9.42
CA ALA E 46 24.09 -11.29 8.11
C ALA E 46 23.25 -10.30 7.29
N THR E 47 23.67 -10.17 6.04
CA THR E 47 23.18 -9.16 5.12
C THR E 47 22.61 -9.83 3.89
N PHE E 48 21.50 -9.27 3.39
CA PHE E 48 20.80 -9.82 2.25
C PHE E 48 20.28 -8.68 1.37
N GLN E 49 20.16 -8.91 0.07
CA GLN E 49 19.65 -7.90 -0.85
C GLN E 49 18.44 -8.40 -1.62
N VAL E 50 17.60 -7.45 -2.02
CA VAL E 50 16.70 -7.64 -3.13
C VAL E 50 17.41 -6.99 -4.32
N GLU E 51 17.79 -7.80 -5.30
CA GLU E 51 18.55 -7.32 -6.45
C GLU E 51 17.82 -6.29 -7.27
N VAL E 52 18.62 -5.41 -7.83
CA VAL E 52 18.19 -4.55 -8.93
C VAL E 52 17.57 -5.41 -10.04
N PRO E 53 16.41 -5.05 -10.55
CA PRO E 53 15.86 -5.81 -11.68
C PRO E 53 16.79 -5.79 -12.88
N GLY E 54 17.07 -6.95 -13.45
CA GLY E 54 17.96 -7.04 -14.57
C GLY E 54 17.63 -8.13 -15.55
N SER E 55 18.57 -8.39 -16.45
CA SER E 55 18.30 -9.32 -17.54
C SER E 55 18.19 -10.76 -17.08
N GLN E 56 18.63 -11.06 -15.85
CA GLN E 56 18.48 -12.39 -15.25
C GLN E 56 17.05 -12.68 -14.77
N HIS E 57 16.21 -11.65 -14.77
CA HIS E 57 14.82 -11.70 -14.26
C HIS E 57 13.90 -11.84 -15.45
N ILE E 58 12.98 -12.79 -15.35
CA ILE E 58 11.95 -12.88 -16.33
C ILE E 58 10.84 -11.87 -15.98
N ASP E 59 10.00 -11.58 -16.97
CA ASP E 59 9.05 -10.52 -16.81
C ASP E 59 8.14 -10.68 -15.56
N SER E 60 7.68 -11.90 -15.31
CA SER E 60 6.81 -12.16 -14.19
C SER E 60 7.49 -11.89 -12.84
N GLN E 61 8.81 -11.90 -12.79
CA GLN E 61 9.50 -11.62 -11.54
C GLN E 61 9.49 -10.15 -11.19
N LYS E 62 9.27 -9.27 -12.14
CA LYS E 62 9.38 -7.83 -11.85
C LYS E 62 8.38 -7.38 -10.80
N LYS E 63 7.10 -7.77 -10.96
CA LYS E 63 6.08 -7.40 -9.98
C LYS E 63 6.43 -8.02 -8.61
N ALA E 64 6.96 -9.23 -8.62
CA ALA E 64 7.28 -9.94 -7.38
C ALA E 64 8.45 -9.30 -6.65
N ILE E 65 9.42 -8.75 -7.38
CA ILE E 65 10.54 -8.02 -6.78
C ILE E 65 9.97 -6.81 -6.05
N GLU E 66 9.05 -6.08 -6.69
CA GLU E 66 8.45 -4.91 -6.02
C GLU E 66 7.69 -5.34 -4.77
N ARG E 67 6.91 -6.41 -4.87
CA ARG E 67 6.22 -6.92 -3.71
C ARG E 67 7.19 -7.27 -2.59
N MET E 68 8.29 -7.93 -2.92
CA MET E 68 9.25 -8.34 -1.88
C MET E 68 9.81 -7.15 -1.09
N LYS E 69 10.14 -6.07 -1.79
CA LYS E 69 10.61 -4.86 -1.10
C LYS E 69 9.52 -4.30 -0.19
N ASP E 70 8.27 -4.34 -0.66
CA ASP E 70 7.16 -3.90 0.20
C ASP E 70 7.10 -4.77 1.46
N THR E 71 7.22 -6.09 1.29
CA THR E 71 7.12 -7.01 2.41
C THR E 71 8.24 -6.78 3.41
N LEU E 72 9.45 -6.59 2.92
CA LEU E 72 10.58 -6.37 3.81
C LEU E 72 10.44 -5.09 4.62
N ARG E 73 9.95 -4.03 4.00
CA ARG E 73 9.76 -2.77 4.71
C ARG E 73 8.73 -2.92 5.83
N ILE E 74 7.58 -3.51 5.52
CA ILE E 74 6.56 -3.65 6.56
C ILE E 74 6.98 -4.65 7.66
N ALA E 75 7.64 -5.73 7.25
CA ALA E 75 8.17 -6.67 8.22
C ALA E 75 9.12 -5.94 9.18
N TYR E 76 10.00 -5.12 8.61
CA TYR E 76 10.93 -4.34 9.43
C TYR E 76 10.20 -3.42 10.41
N LEU E 77 9.25 -2.65 9.88
CA LEU E 77 8.57 -1.68 10.74
C LEU E 77 7.68 -2.30 11.82
N THR E 78 7.16 -3.48 11.54
CA THR E 78 6.30 -4.17 12.51
C THR E 78 7.06 -5.13 13.41
N GLU E 79 8.36 -5.24 13.17
CA GLU E 79 9.23 -6.15 13.95
C GLU E 79 8.78 -7.60 13.85
N ALA E 80 8.24 -7.95 12.70
CA ALA E 80 7.82 -9.31 12.44
C ALA E 80 9.01 -10.27 12.38
N LYS E 81 8.88 -11.40 13.05
CA LYS E 81 9.91 -12.40 12.98
C LYS E 81 9.98 -13.04 11.57
N VAL E 82 11.17 -13.00 10.98
CA VAL E 82 11.48 -13.76 9.79
C VAL E 82 11.92 -15.14 10.22
N GLU E 83 11.24 -16.13 9.66
CA GLU E 83 11.59 -17.51 9.91
C GLU E 83 12.78 -17.88 9.01
N LYS E 84 12.54 -17.96 7.70
CA LYS E 84 13.56 -18.36 6.75
C LYS E 84 13.62 -17.41 5.57
N LEU E 85 14.79 -17.38 4.97
CA LEU E 85 15.02 -16.79 3.66
C LEU E 85 15.58 -17.87 2.75
N CYS E 86 15.07 -17.91 1.52
CA CYS E 86 15.68 -18.66 0.46
C CYS E 86 16.45 -17.63 -0.37
N VAL E 87 17.75 -17.86 -0.55
CA VAL E 87 18.60 -16.89 -1.21
C VAL E 87 19.43 -17.55 -2.28
N TRP E 88 19.77 -16.77 -3.31
CA TRP E 88 20.83 -17.11 -4.24
C TRP E 88 22.18 -16.73 -3.63
N ASN E 89 23.09 -17.70 -3.56
CA ASN E 89 24.37 -17.49 -2.88
C ASN E 89 25.48 -17.19 -3.90
N ASN E 90 25.14 -16.99 -5.16
CA ASN E 90 26.12 -16.57 -6.16
C ASN E 90 26.20 -15.05 -6.32
N LYS E 91 25.64 -14.34 -5.33
CA LYS E 91 25.66 -12.89 -5.29
C LYS E 91 26.07 -12.48 -3.89
N THR E 92 26.61 -11.27 -3.76
CA THR E 92 26.97 -10.70 -2.47
C THR E 92 26.43 -9.26 -2.42
N PRO E 93 25.62 -8.91 -1.44
CA PRO E 93 25.00 -9.84 -0.51
C PRO E 93 24.18 -10.95 -1.18
N HIS E 94 23.95 -12.06 -0.48
CA HIS E 94 23.06 -13.08 -0.99
C HIS E 94 21.73 -12.44 -1.37
N ALA E 95 21.18 -12.92 -2.49
CA ALA E 95 19.97 -12.32 -3.06
C ALA E 95 18.72 -13.09 -2.68
N ILE E 96 17.71 -12.36 -2.17
CA ILE E 96 16.50 -12.98 -1.70
C ILE E 96 15.63 -13.50 -2.83
N ALA E 97 15.29 -14.79 -2.73
CA ALA E 97 14.34 -15.44 -3.62
C ALA E 97 12.96 -15.59 -2.98
N ALA E 98 12.94 -15.85 -1.68
CA ALA E 98 11.70 -16.06 -0.93
C ALA E 98 11.92 -15.83 0.54
N ILE E 99 10.81 -15.52 1.23
CA ILE E 99 10.81 -15.25 2.65
C ILE E 99 9.64 -15.99 3.28
N SER E 100 9.86 -16.54 4.46
CA SER E 100 8.77 -17.04 5.28
C SER E 100 8.80 -16.30 6.61
N MET E 101 7.62 -15.98 7.10
CA MET E 101 7.42 -15.37 8.41
C MET E 101 6.54 -16.28 9.27
N ALA E 102 6.96 -16.48 10.52
CA ALA E 102 6.21 -17.27 11.47
C ALA E 102 6.69 -16.84 12.84
N ASN E 103 5.81 -16.90 13.83
CA ASN E 103 6.26 -16.57 15.18
C ASN E 103 6.97 -17.74 15.86
#